data_9FBQ
#
_entry.id   9FBQ
#
_cell.length_a   51.114
_cell.length_b   72.590
_cell.length_c   174.883
_cell.angle_alpha   90.000
_cell.angle_beta   90.000
_cell.angle_gamma   90.000
#
_symmetry.space_group_name_H-M   'C 2 2 21'
#
loop_
_entity.id
_entity.type
_entity.pdbx_description
1 polymer 'Chitinase 60'
2 non-polymer 'SODIUM ION'
3 non-polymer 'MALONATE ION'
4 water water
#
_entity_poly.entity_id   1
_entity_poly.type   'polypeptide(L)'
_entity_poly.pdbx_seq_one_letter_code
;GTITSQDDNVVVGYWHNWCDGRGYQGGNAPCVELKTVNPQYNVVNISFMKVYDIAEGRIPTFKLDPTIALSEAEFIAQID
TLNSQGRSVLIALGGADAHIELTRGDEDALAAEIIRLTDLYGFDGLDIDLEQAAITAKDNQFVIPAALKMVKEHYRKTGD
NFMITMAPEFPYLTANGAYTPYLTELDGYYDFINPQFYNQGGDGLWIEGVGWIAQNNDALKEEFIYYIADSLINGTRNYH
KIPHDKLVFGLPSNIDAAATGYIQDPQDLYKAFDRLKAQGQPLRGVMTWSVNWDMGTDAANNSYNQQFIKDYGNFIHNQL
PPV
;
_entity_poly.pdbx_strand_id   A
#
loop_
_chem_comp.id
_chem_comp.type
_chem_comp.name
_chem_comp.formula
MLI non-polymer 'MALONATE ION' 'C3 H2 O4 -2'
NA non-polymer 'SODIUM ION' 'Na 1'
#
# COMPACT_ATOMS: atom_id res chain seq x y z
N GLY A 1 15.33 15.77 -2.77
CA GLY A 1 14.48 15.58 -3.95
C GLY A 1 13.35 16.58 -4.03
N THR A 2 12.43 16.35 -4.98
CA THR A 2 11.23 17.14 -5.17
C THR A 2 10.00 16.28 -4.87
N ILE A 3 9.14 16.79 -3.97
CA ILE A 3 7.97 16.01 -3.59
C ILE A 3 7.03 15.98 -4.78
N THR A 4 6.68 14.77 -5.18
CA THR A 4 5.92 14.52 -6.39
C THR A 4 4.71 13.69 -6.00
N SER A 5 3.54 14.33 -5.99
CA SER A 5 2.34 13.74 -5.45
C SER A 5 1.37 13.41 -6.59
N GLN A 6 0.33 12.63 -6.24
CA GLN A 6 -0.58 12.05 -7.23
C GLN A 6 -1.94 12.74 -7.11
N ASP A 7 -2.37 13.37 -8.19
CA ASP A 7 -3.66 14.05 -8.20
C ASP A 7 -4.77 13.24 -8.90
N ASP A 8 -4.42 12.15 -9.60
CA ASP A 8 -5.39 11.40 -10.37
CA ASP A 8 -5.33 11.37 -10.43
C ASP A 8 -5.36 9.95 -9.89
N ASN A 9 -5.79 9.00 -10.70
CA ASN A 9 -5.88 7.62 -10.26
C ASN A 9 -4.48 7.02 -10.13
N VAL A 10 -4.42 5.98 -9.32
CA VAL A 10 -3.15 5.34 -9.04
C VAL A 10 -3.20 3.84 -9.27
N VAL A 11 -2.02 3.32 -9.67
CA VAL A 11 -1.69 1.91 -9.58
C VAL A 11 -0.44 1.81 -8.71
N VAL A 12 -0.63 1.26 -7.51
CA VAL A 12 0.37 1.20 -6.46
C VAL A 12 1.02 -0.16 -6.48
N GLY A 13 2.36 -0.17 -6.40
CA GLY A 13 3.03 -1.43 -6.19
C GLY A 13 4.19 -1.33 -5.21
N TYR A 14 4.31 -2.37 -4.38
CA TYR A 14 5.38 -2.44 -3.40
C TYR A 14 6.67 -2.94 -4.06
N TRP A 15 7.78 -2.41 -3.59
CA TRP A 15 9.13 -2.80 -4.04
C TRP A 15 9.93 -3.37 -2.87
N HIS A 16 10.42 -4.61 -3.00
CA HIS A 16 11.12 -5.34 -1.95
C HIS A 16 12.56 -4.87 -1.80
N ASN A 17 12.92 -4.38 -0.61
CA ASN A 17 14.31 -4.07 -0.29
C ASN A 17 15.05 -5.36 0.09
N TRP A 18 14.86 -6.45 -0.68
CA TRP A 18 15.58 -7.71 -0.47
C TRP A 18 15.48 -8.57 -1.73
N CYS A 19 16.31 -9.62 -1.83
CA CYS A 19 16.40 -10.48 -2.99
C CYS A 19 15.91 -11.91 -2.69
N ASP A 20 15.26 -12.51 -3.69
CA ASP A 20 14.92 -13.92 -3.75
C ASP A 20 14.01 -14.33 -2.59
N GLY A 21 12.87 -13.65 -2.46
CA GLY A 21 11.82 -14.08 -1.56
C GLY A 21 11.07 -15.28 -2.10
N ARG A 22 10.83 -16.26 -1.24
CA ARG A 22 10.14 -17.49 -1.57
C ARG A 22 8.65 -17.18 -1.50
N GLY A 23 7.90 -17.76 -2.43
CA GLY A 23 6.47 -17.55 -2.52
C GLY A 23 5.66 -18.61 -1.78
N TYR A 24 4.37 -18.29 -1.63
CA TYR A 24 3.39 -19.20 -1.06
C TYR A 24 3.23 -20.47 -1.89
N GLN A 25 3.61 -20.45 -3.19
CA GLN A 25 3.55 -21.67 -3.98
C GLN A 25 4.94 -22.04 -4.51
N GLY A 26 5.98 -21.66 -3.77
CA GLY A 26 7.34 -22.15 -4.06
C GLY A 26 8.05 -21.35 -5.15
N GLY A 27 7.44 -20.25 -5.60
CA GLY A 27 8.07 -19.39 -6.57
C GLY A 27 9.07 -18.44 -5.95
N ASN A 28 9.58 -17.50 -6.77
CA ASN A 28 10.66 -16.63 -6.35
C ASN A 28 10.42 -15.18 -6.77
N ALA A 29 10.63 -14.26 -5.83
CA ALA A 29 10.61 -12.83 -6.10
C ALA A 29 12.02 -12.28 -6.18
N PRO A 30 12.49 -11.85 -7.37
CA PRO A 30 13.82 -11.27 -7.45
C PRO A 30 13.82 -9.91 -6.79
N CYS A 31 14.99 -9.41 -6.40
CA CYS A 31 15.16 -7.99 -6.28
C CYS A 31 15.25 -7.42 -7.68
N VAL A 32 14.71 -6.22 -7.87
CA VAL A 32 14.75 -5.54 -9.14
C VAL A 32 15.20 -4.09 -8.93
N GLU A 33 15.86 -3.51 -9.93
CA GLU A 33 16.15 -2.09 -9.90
C GLU A 33 14.87 -1.27 -10.05
N LEU A 34 14.77 -0.13 -9.36
CA LEU A 34 13.63 0.77 -9.53
C LEU A 34 13.37 1.08 -11.01
N LYS A 35 14.44 1.33 -11.77
CA LYS A 35 14.26 1.73 -13.17
C LYS A 35 13.67 0.60 -14.00
N THR A 36 13.61 -0.65 -13.51
CA THR A 36 13.05 -1.74 -14.29
C THR A 36 11.56 -1.88 -13.98
N VAL A 37 11.08 -1.19 -12.95
CA VAL A 37 9.67 -1.30 -12.58
C VAL A 37 8.80 -0.73 -13.69
N ASN A 38 7.75 -1.47 -13.99
CA ASN A 38 6.86 -1.06 -15.05
C ASN A 38 6.37 0.36 -14.79
N PRO A 39 6.43 1.28 -15.78
CA PRO A 39 6.04 2.69 -15.59
C PRO A 39 4.57 2.92 -15.25
N GLN A 40 3.71 1.95 -15.53
CA GLN A 40 2.31 2.07 -15.13
C GLN A 40 2.08 1.95 -13.61
N TYR A 41 3.04 1.45 -12.82
CA TYR A 41 3.03 1.64 -11.38
C TYR A 41 3.47 3.07 -11.13
N ASN A 42 2.50 3.96 -10.90
CA ASN A 42 2.81 5.35 -10.72
C ASN A 42 2.98 5.69 -9.23
N VAL A 43 2.80 4.72 -8.34
CA VAL A 43 3.20 4.84 -6.93
C VAL A 43 3.97 3.59 -6.55
N VAL A 44 5.23 3.75 -6.13
CA VAL A 44 6.05 2.61 -5.83
C VAL A 44 6.47 2.74 -4.35
N ASN A 45 6.18 1.71 -3.57
CA ASN A 45 6.36 1.74 -2.13
C ASN A 45 7.57 0.87 -1.73
N ILE A 46 8.58 1.59 -1.26
CA ILE A 46 9.86 0.99 -0.83
C ILE A 46 9.65 0.26 0.50
N SER A 47 9.93 -1.04 0.52
CA SER A 47 9.52 -1.88 1.63
C SER A 47 10.79 -2.45 2.26
N PHE A 48 11.17 -2.08 3.51
CA PHE A 48 10.37 -1.38 4.52
C PHE A 48 11.28 -0.49 5.36
N MET A 49 10.70 0.59 5.89
CA MET A 49 11.28 1.34 7.01
C MET A 49 10.90 0.60 8.28
N LYS A 50 11.93 0.26 9.08
CA LYS A 50 11.77 -0.70 10.14
C LYS A 50 12.89 -0.50 11.16
N VAL A 51 12.79 -1.25 12.27
CA VAL A 51 13.93 -1.40 13.19
C VAL A 51 14.71 -2.63 12.77
N TYR A 52 16.01 -2.44 12.51
CA TYR A 52 16.87 -3.54 12.06
C TYR A 52 17.34 -4.38 13.24
N ASP A 53 17.61 -3.73 14.37
CA ASP A 53 18.12 -4.36 15.58
C ASP A 53 17.73 -3.43 16.71
N ILE A 54 17.09 -3.93 17.77
CA ILE A 54 16.53 -3.02 18.76
C ILE A 54 17.68 -2.36 19.52
N ALA A 55 18.87 -2.96 19.48
CA ALA A 55 20.02 -2.32 20.11
C ALA A 55 20.33 -0.96 19.47
N GLU A 56 19.77 -0.67 18.27
CA GLU A 56 19.99 0.62 17.63
C GLU A 56 18.95 1.66 18.08
N GLY A 57 17.95 1.25 18.85
CA GLY A 57 16.96 2.20 19.34
C GLY A 57 15.59 1.90 18.73
N ARG A 58 14.57 2.63 19.22
CA ARG A 58 13.17 2.35 18.94
C ARG A 58 12.74 2.95 17.61
N ILE A 59 13.52 3.89 17.07
CA ILE A 59 13.02 4.67 15.94
C ILE A 59 13.40 3.93 14.67
N PRO A 60 12.41 3.49 13.86
CA PRO A 60 12.73 2.77 12.62
C PRO A 60 13.46 3.65 11.61
N THR A 61 14.13 3.03 10.63
CA THR A 61 14.91 3.76 9.66
C THR A 61 14.86 2.94 8.38
N PHE A 62 15.66 3.36 7.40
CA PHE A 62 15.76 2.67 6.14
C PHE A 62 17.22 2.57 5.75
N LYS A 63 17.61 1.35 5.41
CA LYS A 63 18.94 1.00 4.95
C LYS A 63 18.82 0.18 3.69
N LEU A 64 19.37 0.72 2.61
CA LEU A 64 19.23 0.05 1.34
C LEU A 64 20.03 -1.25 1.33
N ASP A 65 19.40 -2.35 0.92
CA ASP A 65 19.99 -3.67 1.00
C ASP A 65 21.21 -3.72 0.07
N PRO A 66 22.43 -3.99 0.58
CA PRO A 66 23.59 -3.93 -0.30
C PRO A 66 23.60 -5.06 -1.35
N THR A 67 22.92 -6.18 -1.06
CA THR A 67 22.77 -7.27 -2.01
C THR A 67 22.15 -6.78 -3.32
N ILE A 68 21.42 -5.68 -3.28
CA ILE A 68 20.74 -5.21 -4.48
C ILE A 68 21.75 -4.56 -5.43
N ALA A 69 22.93 -4.18 -4.90
CA ALA A 69 24.02 -3.73 -5.76
C ALA A 69 23.67 -2.42 -6.50
N LEU A 70 22.90 -1.55 -5.86
CA LEU A 70 22.79 -0.15 -6.23
C LEU A 70 23.50 0.62 -5.13
N SER A 71 24.30 1.62 -5.52
CA SER A 71 24.81 2.59 -4.57
C SER A 71 23.63 3.45 -4.12
N GLU A 72 23.74 4.10 -2.95
CA GLU A 72 22.77 5.10 -2.53
C GLU A 72 22.56 6.10 -3.66
N ALA A 73 23.68 6.54 -4.25
CA ALA A 73 23.64 7.56 -5.29
C ALA A 73 22.78 7.09 -6.47
N GLU A 74 22.94 5.82 -6.88
CA GLU A 74 22.24 5.30 -8.04
C GLU A 74 20.75 5.10 -7.71
N PHE A 75 20.46 4.69 -6.47
CA PHE A 75 19.08 4.53 -6.02
C PHE A 75 18.39 5.89 -6.07
N ILE A 76 19.07 6.91 -5.52
CA ILE A 76 18.56 8.26 -5.48
C ILE A 76 18.29 8.76 -6.90
N ALA A 77 19.19 8.47 -7.85
CA ALA A 77 18.97 8.92 -9.21
C ALA A 77 17.73 8.25 -9.78
N GLN A 78 17.55 6.96 -9.47
CA GLN A 78 16.40 6.23 -10.01
C GLN A 78 15.11 6.80 -9.46
N ILE A 79 15.10 7.29 -8.22
CA ILE A 79 13.94 7.96 -7.67
C ILE A 79 13.72 9.27 -8.40
N ASP A 80 14.79 10.02 -8.69
CA ASP A 80 14.63 11.27 -9.43
C ASP A 80 14.01 11.02 -10.81
N THR A 81 14.44 9.94 -11.44
CA THR A 81 13.91 9.57 -12.75
C THR A 81 12.39 9.30 -12.67
N LEU A 82 11.98 8.46 -11.73
CA LEU A 82 10.55 8.20 -11.53
C LEU A 82 9.79 9.51 -11.31
N ASN A 83 10.32 10.40 -10.49
CA ASN A 83 9.67 11.67 -10.21
C ASN A 83 9.53 12.49 -11.48
N SER A 84 10.56 12.48 -12.35
CA SER A 84 10.48 13.22 -13.60
C SER A 84 9.42 12.64 -14.52
N GLN A 85 9.06 11.34 -14.33
CA GLN A 85 8.00 10.65 -15.09
C GLN A 85 6.62 10.88 -14.49
N GLY A 86 6.52 11.69 -13.42
CA GLY A 86 5.26 11.93 -12.72
C GLY A 86 4.86 10.78 -11.77
N ARG A 87 5.82 9.97 -11.33
CA ARG A 87 5.56 8.83 -10.47
C ARG A 87 6.08 9.09 -9.06
N SER A 88 5.36 8.60 -8.05
CA SER A 88 5.69 8.79 -6.66
C SER A 88 6.41 7.57 -6.10
N VAL A 89 7.34 7.80 -5.16
CA VAL A 89 8.05 6.75 -4.46
C VAL A 89 7.85 7.06 -2.99
N LEU A 90 7.09 6.19 -2.34
CA LEU A 90 6.81 6.28 -0.92
C LEU A 90 7.74 5.33 -0.18
N ILE A 91 7.98 5.65 1.11
CA ILE A 91 8.54 4.70 2.06
C ILE A 91 7.42 4.02 2.83
N ALA A 92 7.44 2.67 2.83
CA ALA A 92 6.45 1.86 3.49
C ALA A 92 7.01 1.54 4.88
N LEU A 93 6.29 2.02 5.91
CA LEU A 93 6.60 1.82 7.31
C LEU A 93 5.96 0.52 7.79
N GLY A 94 6.78 -0.40 8.28
CA GLY A 94 6.33 -1.64 8.90
C GLY A 94 6.86 -2.89 8.22
N GLY A 95 5.92 -3.78 7.90
CA GLY A 95 6.26 -5.08 7.36
C GLY A 95 6.51 -6.09 8.48
N ALA A 96 6.65 -7.34 8.08
CA ALA A 96 6.92 -8.41 9.02
C ALA A 96 8.19 -8.16 9.81
N ASP A 97 8.12 -8.46 11.11
CA ASP A 97 9.30 -8.51 11.97
C ASP A 97 10.02 -7.16 12.01
N ALA A 98 9.23 -6.08 12.06
CA ALA A 98 9.76 -4.73 11.97
C ALA A 98 10.20 -4.17 13.31
N HIS A 99 9.75 -4.81 14.41
CA HIS A 99 10.07 -4.40 15.78
C HIS A 99 9.71 -2.94 16.04
N ILE A 100 8.53 -2.48 15.53
CA ILE A 100 8.13 -1.12 15.77
C ILE A 100 7.25 -1.08 17.02
N GLU A 101 7.81 -0.51 18.09
CA GLU A 101 7.14 -0.49 19.38
C GLU A 101 7.45 0.85 20.03
N LEU A 102 6.75 1.87 19.56
CA LEU A 102 7.03 3.24 19.94
C LEU A 102 6.30 3.62 21.23
N THR A 103 6.94 4.51 21.98
CA THR A 103 6.47 5.00 23.26
C THR A 103 6.11 6.47 23.13
N ARG A 104 5.00 6.88 23.77
CA ARG A 104 4.57 8.26 23.80
C ARG A 104 5.79 9.14 24.06
N GLY A 105 6.01 10.15 23.21
CA GLY A 105 7.17 11.01 23.29
C GLY A 105 8.12 10.80 22.11
N ASP A 106 8.00 9.62 21.46
CA ASP A 106 8.80 9.25 20.31
C ASP A 106 8.36 9.94 19.02
N GLU A 107 7.21 10.66 19.00
CA GLU A 107 6.72 11.23 17.75
C GLU A 107 7.66 12.27 17.15
N ASP A 108 8.36 13.04 18.00
CA ASP A 108 9.31 14.03 17.52
C ASP A 108 10.44 13.37 16.77
N ALA A 109 11.05 12.35 17.37
CA ALA A 109 12.15 11.68 16.71
C ALA A 109 11.68 10.91 15.46
N LEU A 110 10.47 10.34 15.49
CA LEU A 110 10.02 9.61 14.31
C LEU A 110 9.78 10.60 13.18
N ALA A 111 9.19 11.77 13.49
CA ALA A 111 8.96 12.78 12.47
C ALA A 111 10.29 13.25 11.88
N ALA A 112 11.28 13.48 12.76
CA ALA A 112 12.60 13.91 12.27
C ALA A 112 13.22 12.87 11.33
N GLU A 113 13.03 11.58 11.61
CA GLU A 113 13.64 10.56 10.79
C GLU A 113 12.92 10.46 9.44
N ILE A 114 11.58 10.57 9.44
CA ILE A 114 10.86 10.55 8.17
C ILE A 114 11.31 11.71 7.29
N ILE A 115 11.46 12.90 7.87
CA ILE A 115 11.88 14.09 7.12
C ILE A 115 13.29 13.89 6.57
N ARG A 116 14.16 13.32 7.40
CA ARG A 116 15.54 13.10 6.98
C ARG A 116 15.56 12.22 5.74
N LEU A 117 14.82 11.10 5.78
CA LEU A 117 14.88 10.11 4.71
C LEU A 117 14.26 10.67 3.43
N THR A 118 13.15 11.38 3.61
CA THR A 118 12.44 12.07 2.55
C THR A 118 13.39 13.02 1.82
N ASP A 119 14.06 13.90 2.58
CA ASP A 119 14.94 14.87 1.98
C ASP A 119 16.14 14.19 1.33
N LEU A 120 16.64 13.12 1.93
CA LEU A 120 17.83 12.48 1.39
C LEU A 120 17.52 11.69 0.13
N TYR A 121 16.54 10.76 0.20
CA TYR A 121 16.26 9.87 -0.92
C TYR A 121 15.31 10.49 -1.92
N GLY A 122 14.52 11.51 -1.55
CA GLY A 122 13.50 12.07 -2.44
C GLY A 122 12.19 11.27 -2.45
N PHE A 123 11.93 10.56 -1.36
CA PHE A 123 10.62 9.97 -1.16
C PHE A 123 9.54 11.05 -1.22
N ASP A 124 8.34 10.62 -1.63
CA ASP A 124 7.24 11.53 -1.86
C ASP A 124 6.17 11.44 -0.77
N GLY A 125 6.34 10.52 0.16
CA GLY A 125 5.37 10.31 1.23
C GLY A 125 5.66 9.00 1.93
N LEU A 126 4.72 8.57 2.79
CA LEU A 126 4.87 7.38 3.61
C LEU A 126 3.58 6.56 3.57
N ASP A 127 3.75 5.23 3.51
CA ASP A 127 2.68 4.25 3.60
C ASP A 127 2.75 3.54 4.93
N ILE A 128 1.66 3.57 5.73
CA ILE A 128 1.60 2.83 6.96
C ILE A 128 1.21 1.38 6.68
N ASP A 129 2.17 0.47 6.84
CA ASP A 129 1.93 -0.93 6.48
C ASP A 129 2.41 -1.82 7.61
N LEU A 130 1.82 -1.63 8.79
CA LEU A 130 2.19 -2.36 9.98
C LEU A 130 1.77 -3.83 9.92
N GLU A 131 2.63 -4.71 10.50
CA GLU A 131 2.29 -6.10 10.73
C GLU A 131 1.22 -6.18 11.83
N GLN A 132 0.48 -7.28 11.86
CA GLN A 132 -0.65 -7.40 12.76
C GLN A 132 -0.28 -7.06 14.22
N ALA A 133 0.85 -7.56 14.70
CA ALA A 133 1.29 -7.34 16.07
C ALA A 133 1.63 -5.87 16.34
N ALA A 134 1.91 -5.08 15.32
CA ALA A 134 2.31 -3.69 15.50
C ALA A 134 1.10 -2.76 15.65
N ILE A 135 -0.06 -3.18 15.11
CA ILE A 135 -1.19 -2.28 14.95
C ILE A 135 -1.56 -1.72 16.32
N THR A 136 -1.49 -2.56 17.35
CA THR A 136 -1.75 -2.08 18.70
C THR A 136 -0.56 -2.32 19.64
N ALA A 137 0.67 -2.26 19.13
CA ALA A 137 1.80 -2.40 20.03
C ALA A 137 2.07 -1.08 20.73
N LYS A 138 2.34 -1.14 22.04
CA LYS A 138 2.80 0.01 22.82
C LYS A 138 1.95 1.24 22.50
N ASP A 139 2.58 2.35 22.14
CA ASP A 139 1.88 3.57 21.84
C ASP A 139 1.85 3.91 20.34
N ASN A 140 2.01 2.90 19.47
CA ASN A 140 1.99 3.11 18.03
C ASN A 140 0.74 3.87 17.53
N GLN A 141 -0.44 3.60 18.07
CA GLN A 141 -1.69 4.21 17.59
C GLN A 141 -1.67 5.70 17.85
N PHE A 142 -0.88 6.16 18.82
CA PHE A 142 -0.73 7.56 19.15
C PHE A 142 0.46 8.16 18.41
N VAL A 143 1.59 7.50 18.52
CA VAL A 143 2.85 8.06 18.05
C VAL A 143 2.85 8.21 16.52
N ILE A 144 2.40 7.17 15.80
CA ILE A 144 2.61 7.19 14.36
C ILE A 144 1.76 8.31 13.76
N PRO A 145 0.46 8.47 14.11
CA PRO A 145 -0.27 9.64 13.61
C PRO A 145 0.30 10.96 14.08
N ALA A 146 0.69 11.06 15.37
CA ALA A 146 1.25 12.33 15.84
C ALA A 146 2.47 12.76 15.02
N ALA A 147 3.35 11.82 14.67
CA ALA A 147 4.53 12.12 13.87
C ALA A 147 4.12 12.53 12.46
N LEU A 148 3.18 11.77 11.85
CA LEU A 148 2.84 12.06 10.47
C LEU A 148 2.12 13.41 10.32
N LYS A 149 1.33 13.82 11.31
CA LYS A 149 0.79 15.16 11.24
C LYS A 149 1.88 16.22 11.17
N MET A 150 2.97 16.03 11.94
CA MET A 150 4.02 17.04 11.99
CA MET A 150 4.06 16.99 12.02
C MET A 150 4.78 17.02 10.68
N VAL A 151 4.94 15.85 10.07
CA VAL A 151 5.57 15.75 8.77
C VAL A 151 4.72 16.44 7.74
N LYS A 152 3.43 16.14 7.67
CA LYS A 152 2.55 16.75 6.69
C LYS A 152 2.65 18.28 6.77
N GLU A 153 2.65 18.81 8.00
CA GLU A 153 2.61 20.24 8.24
CA GLU A 153 2.60 20.24 8.25
C GLU A 153 3.94 20.87 7.86
N HIS A 154 5.05 20.18 8.12
CA HIS A 154 6.36 20.63 7.70
C HIS A 154 6.39 20.86 6.18
N TYR A 155 5.90 19.91 5.39
CA TYR A 155 5.99 20.01 3.94
C TYR A 155 4.90 20.94 3.40
N ARG A 156 3.75 21.04 4.08
CA ARG A 156 2.72 22.00 3.67
C ARG A 156 3.29 23.42 3.72
N LYS A 157 4.17 23.69 4.69
CA LYS A 157 4.77 25.01 4.85
C LYS A 157 5.53 25.41 3.60
N THR A 158 6.13 24.46 2.86
CA THR A 158 6.87 24.77 1.65
C THR A 158 6.07 24.43 0.39
N GLY A 159 4.72 24.37 0.49
CA GLY A 159 3.84 24.17 -0.66
C GLY A 159 3.86 22.74 -1.21
N ASP A 160 4.25 21.77 -0.37
CA ASP A 160 4.43 20.38 -0.80
C ASP A 160 3.38 19.49 -0.14
N ASN A 161 2.82 18.55 -0.91
CA ASN A 161 1.89 17.55 -0.41
C ASN A 161 2.62 16.20 -0.22
N PHE A 162 3.14 16.00 1.00
CA PHE A 162 3.79 14.77 1.42
C PHE A 162 2.68 13.73 1.55
N MET A 163 2.73 12.69 0.69
CA MET A 163 1.61 11.76 0.61
C MET A 163 1.61 10.88 1.85
N ILE A 164 0.41 10.62 2.37
CA ILE A 164 0.20 9.67 3.46
C ILE A 164 -0.81 8.63 2.98
N THR A 165 -0.41 7.36 2.96
CA THR A 165 -1.29 6.25 2.64
C THR A 165 -1.20 5.19 3.72
N MET A 166 -2.11 4.20 3.67
CA MET A 166 -2.06 3.11 4.60
C MET A 166 -2.52 1.82 3.92
N ALA A 167 -2.04 0.69 4.44
CA ALA A 167 -2.37 -0.61 3.89
C ALA A 167 -2.90 -1.54 4.97
N PRO A 168 -4.04 -1.20 5.58
CA PRO A 168 -4.65 -2.10 6.55
C PRO A 168 -5.17 -3.38 5.93
N GLU A 169 -5.02 -4.48 6.66
CA GLU A 169 -5.75 -5.69 6.32
C GLU A 169 -7.24 -5.45 6.54
N PHE A 170 -8.08 -5.79 5.57
CA PHE A 170 -9.44 -5.27 5.55
C PHE A 170 -10.24 -5.64 6.81
N PRO A 171 -10.04 -6.77 7.53
CA PRO A 171 -10.84 -7.07 8.73
C PRO A 171 -10.70 -6.05 9.85
N TYR A 172 -9.61 -5.30 9.85
CA TYR A 172 -9.33 -4.31 10.88
C TYR A 172 -10.04 -2.98 10.62
N LEU A 173 -10.88 -2.93 9.58
CA LEU A 173 -11.58 -1.72 9.19
C LEU A 173 -13.07 -1.78 9.53
N THR A 174 -13.45 -2.71 10.40
CA THR A 174 -14.81 -2.68 10.91
C THR A 174 -14.94 -1.44 11.78
N ALA A 175 -16.18 -1.03 12.06
CA ALA A 175 -16.40 0.16 12.87
C ALA A 175 -15.73 -0.10 14.21
N ASN A 176 -14.98 0.87 14.70
CA ASN A 176 -14.24 0.69 15.95
C ASN A 176 -13.20 -0.44 15.86
N GLY A 177 -12.77 -0.82 14.65
CA GLY A 177 -11.73 -1.83 14.47
C GLY A 177 -10.31 -1.34 14.80
N ALA A 178 -9.33 -2.25 14.82
CA ALA A 178 -7.99 -1.91 15.31
C ALA A 178 -7.28 -0.84 14.48
N TYR A 179 -7.64 -0.66 13.21
CA TYR A 179 -6.91 0.33 12.40
CA TYR A 179 -7.00 0.31 12.37
C TYR A 179 -7.65 1.69 12.48
N THR A 180 -8.85 1.75 13.07
CA THR A 180 -9.62 2.99 12.99
C THR A 180 -8.95 4.19 13.68
N PRO A 181 -8.19 4.10 14.79
CA PRO A 181 -7.46 5.27 15.27
C PRO A 181 -6.51 5.93 14.27
N TYR A 182 -5.85 5.12 13.43
CA TYR A 182 -5.01 5.70 12.39
C TYR A 182 -5.86 6.53 11.42
N LEU A 183 -7.00 5.98 11.00
CA LEU A 183 -7.86 6.62 10.03
C LEU A 183 -8.47 7.89 10.63
N THR A 184 -8.95 7.86 11.88
CA THR A 184 -9.60 9.04 12.37
C THR A 184 -8.58 10.14 12.70
N GLU A 185 -7.41 9.77 13.26
CA GLU A 185 -6.44 10.78 13.59
C GLU A 185 -5.94 11.46 12.34
N LEU A 186 -5.81 10.69 11.25
CA LEU A 186 -5.16 11.25 10.09
C LEU A 186 -6.20 11.65 9.03
N ASP A 187 -7.50 11.68 9.37
CA ASP A 187 -8.48 12.20 8.43
C ASP A 187 -8.17 13.65 8.06
N GLY A 188 -8.12 13.92 6.74
CA GLY A 188 -7.70 15.21 6.23
C GLY A 188 -6.19 15.36 6.04
N TYR A 189 -5.41 14.37 6.48
CA TYR A 189 -3.97 14.31 6.23
C TYR A 189 -3.66 13.21 5.22
N TYR A 190 -4.38 12.08 5.28
CA TYR A 190 -4.08 10.97 4.37
C TYR A 190 -4.65 11.25 2.98
N ASP A 191 -3.91 10.84 1.94
CA ASP A 191 -4.27 10.96 0.54
C ASP A 191 -5.19 9.85 0.08
N PHE A 192 -4.87 8.60 0.38
CA PHE A 192 -5.76 7.47 0.10
C PHE A 192 -5.33 6.28 0.93
N ILE A 193 -6.22 5.33 1.05
CA ILE A 193 -6.00 4.09 1.77
C ILE A 193 -6.04 2.97 0.74
N ASN A 194 -5.03 2.08 0.78
CA ASN A 194 -5.01 0.87 -0.03
C ASN A 194 -5.06 -0.39 0.85
N PRO A 195 -6.25 -0.80 1.35
CA PRO A 195 -6.34 -2.00 2.14
C PRO A 195 -5.91 -3.25 1.38
N GLN A 196 -5.46 -4.22 2.17
CA GLN A 196 -5.09 -5.52 1.70
C GLN A 196 -6.36 -6.37 1.72
N PHE A 197 -6.87 -6.71 0.55
CA PHE A 197 -8.01 -7.61 0.40
C PHE A 197 -7.52 -9.01 0.08
N TYR A 198 -6.58 -9.49 0.89
CA TYR A 198 -5.88 -10.76 0.69
C TYR A 198 -5.22 -11.15 2.00
N ASN A 199 -4.85 -12.44 2.06
CA ASN A 199 -4.28 -13.09 3.24
C ASN A 199 -5.25 -13.18 4.43
N GLN A 200 -6.57 -13.02 4.21
CA GLN A 200 -7.51 -13.08 5.31
C GLN A 200 -8.45 -14.27 5.12
N GLY A 201 -8.01 -15.24 4.36
CA GLY A 201 -8.67 -16.54 4.31
C GLY A 201 -10.15 -16.34 4.06
N GLY A 202 -10.98 -16.77 5.00
CA GLY A 202 -12.41 -16.81 4.74
C GLY A 202 -13.17 -15.62 5.33
N ASP A 203 -12.46 -14.64 5.89
CA ASP A 203 -13.10 -13.41 6.31
C ASP A 203 -13.90 -12.83 5.14
N GLY A 204 -14.93 -12.04 5.44
CA GLY A 204 -15.81 -11.54 4.39
C GLY A 204 -16.99 -10.79 4.99
N LEU A 205 -18.10 -10.80 4.25
CA LEU A 205 -19.33 -10.16 4.69
C LEU A 205 -20.52 -10.97 4.23
N TRP A 206 -21.60 -10.88 5.03
CA TRP A 206 -22.88 -11.43 4.62
C TRP A 206 -23.72 -10.36 3.93
N ILE A 207 -24.29 -10.71 2.78
CA ILE A 207 -25.16 -9.80 2.03
C ILE A 207 -26.51 -10.48 1.78
N GLU A 208 -27.60 -9.87 2.28
CA GLU A 208 -28.91 -10.48 2.05
C GLU A 208 -29.15 -10.55 0.54
N GLY A 209 -29.68 -11.68 0.11
CA GLY A 209 -29.92 -11.92 -1.30
C GLY A 209 -28.77 -12.66 -1.97
N VAL A 210 -27.56 -12.57 -1.38
CA VAL A 210 -26.40 -13.23 -1.96
C VAL A 210 -25.92 -14.37 -1.06
N GLY A 211 -25.80 -14.06 0.24
CA GLY A 211 -25.26 -14.96 1.25
C GLY A 211 -23.91 -14.52 1.84
N TRP A 212 -23.16 -15.54 2.27
CA TRP A 212 -21.84 -15.36 2.85
C TRP A 212 -20.80 -15.23 1.74
N ILE A 213 -20.10 -14.07 1.72
CA ILE A 213 -19.13 -13.80 0.67
C ILE A 213 -17.74 -13.69 1.30
N ALA A 214 -16.91 -14.71 1.07
CA ALA A 214 -15.58 -14.78 1.66
C ALA A 214 -14.54 -14.26 0.67
N GLN A 215 -13.45 -13.71 1.23
CA GLN A 215 -12.34 -13.16 0.46
C GLN A 215 -11.63 -14.27 -0.32
N ASN A 216 -11.83 -15.54 0.08
CA ASN A 216 -11.17 -16.64 -0.63
C ASN A 216 -12.14 -17.43 -1.50
N ASN A 217 -13.34 -16.89 -1.78
CA ASN A 217 -14.29 -17.57 -2.63
C ASN A 217 -14.16 -16.99 -4.04
N ASP A 218 -13.58 -17.79 -4.92
CA ASP A 218 -13.32 -17.38 -6.31
C ASP A 218 -14.55 -17.48 -7.19
N ALA A 219 -15.68 -17.96 -6.66
CA ALA A 219 -16.91 -17.95 -7.43
C ALA A 219 -17.69 -16.66 -7.20
N LEU A 220 -17.42 -15.94 -6.10
CA LEU A 220 -18.17 -14.74 -5.76
C LEU A 220 -17.21 -13.54 -5.65
N LYS A 221 -16.22 -13.49 -6.53
CA LYS A 221 -15.20 -12.43 -6.41
C LYS A 221 -15.74 -11.06 -6.80
N GLU A 222 -16.56 -10.95 -7.84
CA GLU A 222 -17.16 -9.65 -8.16
C GLU A 222 -17.94 -9.14 -6.96
N GLU A 223 -18.72 -10.05 -6.36
CA GLU A 223 -19.58 -9.70 -5.26
C GLU A 223 -18.71 -9.24 -4.09
N PHE A 224 -17.63 -9.97 -3.81
CA PHE A 224 -16.73 -9.60 -2.73
C PHE A 224 -16.20 -8.15 -2.95
N ILE A 225 -15.63 -7.93 -4.11
CA ILE A 225 -15.04 -6.63 -4.41
C ILE A 225 -16.09 -5.52 -4.28
N TYR A 226 -17.24 -5.69 -4.96
CA TYR A 226 -18.27 -4.66 -4.97
C TYR A 226 -18.77 -4.37 -3.56
N TYR A 227 -19.10 -5.43 -2.81
CA TYR A 227 -19.78 -5.22 -1.55
C TYR A 227 -18.81 -4.77 -0.46
N ILE A 228 -17.57 -5.25 -0.47
CA ILE A 228 -16.65 -4.76 0.56
C ILE A 228 -16.31 -3.29 0.31
N ALA A 229 -16.16 -2.91 -0.96
CA ALA A 229 -15.89 -1.53 -1.30
C ALA A 229 -17.11 -0.62 -1.07
N ASP A 230 -18.30 -1.09 -1.43
CA ASP A 230 -19.49 -0.30 -1.18
C ASP A 230 -19.65 -0.03 0.32
N SER A 231 -19.38 -1.03 1.16
CA SER A 231 -19.46 -0.89 2.60
C SER A 231 -18.50 0.17 3.11
N LEU A 232 -17.24 0.10 2.68
CA LEU A 232 -16.25 1.05 3.12
C LEU A 232 -16.56 2.47 2.65
N ILE A 233 -16.98 2.65 1.39
CA ILE A 233 -17.09 4.00 0.88
C ILE A 233 -18.36 4.66 1.38
N ASN A 234 -19.24 3.89 2.01
CA ASN A 234 -20.46 4.45 2.58
C ASN A 234 -20.46 4.36 4.09
N GLY A 235 -19.48 3.66 4.69
CA GLY A 235 -19.54 3.42 6.11
C GLY A 235 -20.75 2.57 6.52
N THR A 236 -21.08 1.54 5.75
CA THR A 236 -22.24 0.70 6.00
C THR A 236 -21.78 -0.71 6.33
N ARG A 237 -22.71 -1.53 6.82
CA ARG A 237 -22.47 -2.94 7.09
C ARG A 237 -21.34 -3.11 8.09
N ASN A 238 -21.21 -2.13 9.01
CA ASN A 238 -20.30 -2.20 10.14
C ASN A 238 -18.85 -1.96 9.73
N TYR A 239 -18.66 -1.25 8.61
CA TYR A 239 -17.33 -0.82 8.17
C TYR A 239 -17.14 0.67 8.42
N HIS A 240 -15.90 1.00 8.78
CA HIS A 240 -15.47 2.39 8.90
C HIS A 240 -15.51 3.03 7.52
N LYS A 241 -15.91 4.29 7.44
CA LYS A 241 -15.98 4.95 6.16
C LYS A 241 -14.61 5.41 5.64
N ILE A 242 -14.33 5.09 4.37
CA ILE A 242 -13.20 5.63 3.61
C ILE A 242 -13.79 6.14 2.30
N PRO A 243 -13.75 7.46 2.07
CA PRO A 243 -14.40 8.02 0.87
C PRO A 243 -13.87 7.37 -0.41
N HIS A 244 -14.72 7.22 -1.42
CA HIS A 244 -14.40 6.45 -2.61
C HIS A 244 -13.19 7.03 -3.36
N ASP A 245 -13.05 8.36 -3.33
CA ASP A 245 -11.95 9.03 -4.03
C ASP A 245 -10.62 8.75 -3.32
N LYS A 246 -10.71 8.14 -2.13
CA LYS A 246 -9.54 7.84 -1.29
C LYS A 246 -9.41 6.35 -0.99
N LEU A 247 -10.04 5.49 -1.80
CA LEU A 247 -9.94 4.06 -1.58
C LEU A 247 -9.36 3.42 -2.84
N VAL A 248 -8.30 2.65 -2.61
CA VAL A 248 -7.54 1.94 -3.63
C VAL A 248 -7.57 0.45 -3.26
N PHE A 249 -7.93 -0.43 -4.21
CA PHE A 249 -8.19 -1.84 -3.90
C PHE A 249 -6.89 -2.64 -3.95
N GLY A 250 -6.42 -3.14 -2.79
CA GLY A 250 -5.15 -3.87 -2.74
C GLY A 250 -5.28 -5.38 -2.93
N LEU A 251 -4.37 -5.94 -3.77
CA LEU A 251 -4.47 -7.27 -4.33
C LEU A 251 -3.10 -7.93 -4.41
N PRO A 252 -3.05 -9.28 -4.35
CA PRO A 252 -1.82 -10.00 -4.69
C PRO A 252 -1.63 -9.96 -6.21
N SER A 253 -0.35 -9.92 -6.62
CA SER A 253 0.02 -9.90 -8.02
CA SER A 253 -0.01 -9.88 -8.03
C SER A 253 -0.28 -11.24 -8.70
N ASN A 254 -0.14 -12.34 -7.92
CA ASN A 254 -0.31 -13.71 -8.38
C ASN A 254 -0.40 -14.62 -7.16
N ILE A 255 -0.56 -15.93 -7.42
CA ILE A 255 -0.74 -16.87 -6.31
C ILE A 255 0.53 -17.09 -5.48
N ASP A 256 1.72 -16.69 -5.97
CA ASP A 256 2.91 -16.74 -5.14
C ASP A 256 2.98 -15.61 -4.13
N ALA A 257 2.29 -14.49 -4.38
CA ALA A 257 2.51 -13.27 -3.64
C ALA A 257 1.77 -13.27 -2.31
N ALA A 258 0.69 -14.05 -2.25
CA ALA A 258 -0.14 -14.13 -1.08
C ALA A 258 -0.77 -15.51 -0.95
N ALA A 259 -1.17 -15.89 0.26
CA ALA A 259 -1.74 -17.20 0.44
C ALA A 259 -3.09 -17.28 -0.27
N THR A 260 -3.95 -16.23 -0.08
CA THR A 260 -5.29 -16.14 -0.64
C THR A 260 -5.53 -14.71 -1.10
N GLY A 261 -6.46 -14.53 -2.04
CA GLY A 261 -7.00 -13.24 -2.45
C GLY A 261 -6.75 -12.92 -3.91
N TYR A 262 -5.90 -13.71 -4.58
CA TYR A 262 -5.61 -13.51 -5.98
C TYR A 262 -6.90 -13.60 -6.81
N ILE A 263 -7.08 -12.63 -7.74
CA ILE A 263 -8.23 -12.57 -8.60
C ILE A 263 -7.93 -13.44 -9.83
N GLN A 264 -8.64 -14.57 -9.90
CA GLN A 264 -8.51 -15.50 -11.02
C GLN A 264 -9.00 -14.86 -12.33
N ASP A 265 -10.17 -14.19 -12.30
CA ASP A 265 -10.73 -13.62 -13.52
C ASP A 265 -10.80 -12.10 -13.36
N PRO A 266 -9.90 -11.35 -14.04
CA PRO A 266 -9.89 -9.89 -13.97
C PRO A 266 -11.19 -9.19 -14.32
N GLN A 267 -12.06 -9.84 -15.11
CA GLN A 267 -13.39 -9.32 -15.40
C GLN A 267 -14.24 -9.13 -14.15
N ASP A 268 -14.02 -9.90 -13.09
CA ASP A 268 -14.75 -9.70 -11.84
C ASP A 268 -14.44 -8.33 -11.20
N LEU A 269 -13.17 -7.88 -11.28
CA LEU A 269 -12.79 -6.55 -10.87
C LEU A 269 -13.36 -5.49 -11.80
N TYR A 270 -13.23 -5.71 -13.12
CA TYR A 270 -13.74 -4.69 -14.03
C TYR A 270 -15.21 -4.43 -13.74
N LYS A 271 -15.97 -5.52 -13.55
CA LYS A 271 -17.41 -5.35 -13.35
C LYS A 271 -17.74 -4.74 -12.02
N ALA A 272 -16.97 -5.11 -10.97
CA ALA A 272 -17.23 -4.51 -9.67
C ALA A 272 -16.93 -3.02 -9.73
N PHE A 273 -15.79 -2.68 -10.35
CA PHE A 273 -15.38 -1.29 -10.41
C PHE A 273 -16.37 -0.47 -11.25
N ASP A 274 -16.89 -1.05 -12.32
CA ASP A 274 -17.87 -0.33 -13.11
C ASP A 274 -19.20 -0.15 -12.35
N ARG A 275 -19.60 -1.09 -11.48
CA ARG A 275 -20.79 -0.88 -10.66
C ARG A 275 -20.59 0.24 -9.66
N LEU A 276 -19.41 0.32 -9.02
CA LEU A 276 -19.12 1.41 -8.12
C LEU A 276 -19.12 2.74 -8.88
N LYS A 277 -18.55 2.78 -10.09
CA LYS A 277 -18.57 4.00 -10.88
C LYS A 277 -20.01 4.42 -11.24
N ALA A 278 -20.86 3.46 -11.53
CA ALA A 278 -22.19 3.77 -12.04
C ALA A 278 -23.04 4.39 -10.93
N GLN A 279 -22.76 4.07 -9.66
CA GLN A 279 -23.51 4.63 -8.55
C GLN A 279 -22.87 5.95 -8.10
N GLY A 280 -21.94 6.50 -8.87
CA GLY A 280 -21.31 7.78 -8.58
C GLY A 280 -20.16 7.68 -7.57
N GLN A 281 -19.61 6.46 -7.34
CA GLN A 281 -18.60 6.27 -6.29
C GLN A 281 -17.38 5.49 -6.83
N PRO A 282 -16.77 5.92 -7.96
CA PRO A 282 -15.62 5.21 -8.53
C PRO A 282 -14.44 5.22 -7.55
N LEU A 283 -13.72 4.09 -7.52
CA LEU A 283 -12.52 4.00 -6.67
C LEU A 283 -11.35 4.72 -7.34
N ARG A 284 -10.32 4.96 -6.52
CA ARG A 284 -9.15 5.75 -6.88
C ARG A 284 -8.09 4.92 -7.60
N GLY A 285 -8.18 3.58 -7.52
CA GLY A 285 -7.28 2.73 -8.27
C GLY A 285 -7.07 1.36 -7.63
N VAL A 286 -5.96 0.71 -7.95
CA VAL A 286 -5.62 -0.59 -7.35
C VAL A 286 -4.20 -0.52 -6.77
N MET A 287 -3.89 -1.51 -5.94
CA MET A 287 -2.57 -1.64 -5.36
C MET A 287 -2.21 -3.12 -5.40
N THR A 288 -0.91 -3.45 -5.50
CA THR A 288 -0.51 -4.85 -5.40
C THR A 288 0.72 -5.03 -4.55
N TRP A 289 0.70 -6.16 -3.81
CA TRP A 289 1.90 -6.84 -3.37
C TRP A 289 2.18 -7.87 -4.48
N SER A 290 3.19 -7.64 -5.32
CA SER A 290 4.17 -6.58 -5.28
C SER A 290 4.79 -6.46 -6.67
N VAL A 291 5.55 -5.41 -6.92
CA VAL A 291 6.10 -5.33 -8.29
C VAL A 291 7.13 -6.44 -8.44
N ASN A 292 7.82 -6.80 -7.36
CA ASN A 292 8.79 -7.89 -7.46
C ASN A 292 8.10 -9.19 -7.77
N TRP A 293 6.91 -9.46 -7.19
CA TRP A 293 6.19 -10.66 -7.50
C TRP A 293 5.66 -10.62 -8.94
N ASP A 294 5.28 -9.42 -9.43
CA ASP A 294 4.76 -9.33 -10.78
C ASP A 294 5.88 -9.67 -11.78
N MET A 295 7.12 -9.40 -11.35
CA MET A 295 8.32 -9.66 -12.14
CA MET A 295 8.28 -9.70 -12.18
C MET A 295 8.99 -10.97 -11.72
N GLY A 296 8.31 -11.79 -10.90
CA GLY A 296 8.97 -12.97 -10.32
C GLY A 296 8.72 -14.22 -11.13
N THR A 297 8.99 -15.40 -10.53
CA THR A 297 8.83 -16.67 -11.23
C THR A 297 7.99 -17.63 -10.38
N ASP A 298 7.34 -18.57 -11.04
CA ASP A 298 6.73 -19.68 -10.30
C ASP A 298 7.83 -20.69 -9.92
N ALA A 299 7.36 -21.76 -9.27
CA ALA A 299 8.27 -22.77 -8.74
C ALA A 299 9.07 -23.44 -9.88
N ALA A 300 8.52 -23.48 -11.09
CA ALA A 300 9.22 -24.04 -12.25
C ALA A 300 10.10 -23.00 -12.97
N ASN A 301 10.25 -21.79 -12.40
CA ASN A 301 11.11 -20.74 -12.94
C ASN A 301 10.50 -20.10 -14.19
N ASN A 302 9.19 -20.27 -14.40
CA ASN A 302 8.47 -19.56 -15.45
C ASN A 302 8.11 -18.17 -14.94
N SER A 303 8.45 -17.14 -15.72
CA SER A 303 8.16 -15.76 -15.39
C SER A 303 6.66 -15.49 -15.30
N TYR A 304 6.24 -14.77 -14.25
CA TYR A 304 4.89 -14.25 -14.15
C TYR A 304 4.63 -13.20 -15.22
N ASN A 305 5.69 -12.62 -15.81
CA ASN A 305 5.56 -11.83 -17.03
C ASN A 305 4.60 -10.64 -16.85
N GLN A 306 4.62 -10.01 -15.66
CA GLN A 306 3.96 -8.74 -15.47
C GLN A 306 2.45 -8.86 -15.70
N GLN A 307 1.85 -10.01 -15.38
CA GLN A 307 0.45 -10.21 -15.71
C GLN A 307 -0.46 -9.23 -14.96
N PHE A 308 -0.08 -8.83 -13.74
CA PHE A 308 -0.95 -7.97 -12.91
C PHE A 308 -1.10 -6.61 -13.58
N ILE A 309 0.04 -5.99 -13.91
CA ILE A 309 -0.01 -4.71 -14.59
C ILE A 309 -0.59 -4.83 -16.01
N LYS A 310 -0.43 -5.95 -16.70
CA LYS A 310 -1.14 -6.17 -17.97
C LYS A 310 -2.66 -6.19 -17.76
N ASP A 311 -3.14 -6.82 -16.68
CA ASP A 311 -4.57 -6.97 -16.47
C ASP A 311 -5.21 -5.64 -16.05
N TYR A 312 -4.49 -4.84 -15.27
CA TYR A 312 -5.12 -3.72 -14.59
C TYR A 312 -4.55 -2.34 -14.91
N GLY A 313 -3.36 -2.22 -15.50
CA GLY A 313 -2.77 -0.90 -15.69
C GLY A 313 -3.56 0.02 -16.65
N ASN A 314 -3.83 -0.46 -17.86
CA ASN A 314 -4.66 0.30 -18.78
C ASN A 314 -6.07 0.52 -18.22
N PHE A 315 -6.64 -0.50 -17.60
CA PHE A 315 -8.00 -0.39 -17.07
C PHE A 315 -8.13 0.77 -16.09
N ILE A 316 -7.15 0.95 -15.21
CA ILE A 316 -7.21 2.04 -14.26
C ILE A 316 -6.79 3.37 -14.89
N HIS A 317 -5.69 3.40 -15.63
CA HIS A 317 -5.18 4.66 -16.12
C HIS A 317 -6.12 5.30 -17.14
N ASN A 318 -7.00 4.53 -17.77
CA ASN A 318 -7.90 5.12 -18.74
C ASN A 318 -9.24 5.55 -18.10
N GLN A 319 -9.39 5.53 -16.76
CA GLN A 319 -10.58 6.07 -16.08
C GLN A 319 -10.50 7.60 -15.98
N LEU A 320 -11.69 8.21 -15.75
CA LEU A 320 -11.84 9.65 -15.52
C LEU A 320 -11.14 10.01 -14.22
N PRO A 321 -10.59 11.24 -14.12
CA PRO A 321 -9.90 11.68 -12.92
C PRO A 321 -10.88 11.78 -11.74
N PRO A 322 -10.43 11.85 -10.47
CA PRO A 322 -11.35 12.00 -9.34
C PRO A 322 -12.04 13.36 -9.23
N VAL A 323 -12.98 13.45 -8.25
CA VAL A 323 -13.74 14.63 -7.89
C VAL A 323 -15.13 14.56 -8.53
NA NA B . 10.41 13.00 -4.62
C1 MLI C . 4.73 10.56 28.24
C2 MLI C . 6.10 9.94 27.93
C3 MLI C . 4.47 12.07 28.27
O6 MLI C . 7.11 10.67 27.97
O7 MLI C . 6.16 8.68 27.66
O8 MLI C . 5.44 12.88 28.36
O9 MLI C . 3.27 12.44 28.18
NA NA D . -18.03 -15.51 -10.02
#